data_6QGX
#
_entry.id   6QGX
#
_cell.length_a   49.321
_cell.length_b   80.335
_cell.length_c   135.349
_cell.angle_alpha   90.00
_cell.angle_beta   90.00
_cell.angle_gamma   90.00
#
_symmetry.space_group_name_H-M   'P 21 21 21'
#
loop_
_entity.id
_entity.type
_entity.pdbx_description
1 polymer 'Outer membrane protein assembly factor BamA'
2 polymer NanoF7
3 non-polymer (HYDROXYETHYLOXY)TRI(ETHYLOXY)OCTANE
4 water water
#
loop_
_entity_poly.entity_id
_entity_poly.type
_entity_poly.pdbx_seq_one_letter_code
_entity_poly.pdbx_strand_id
1 'polypeptide(L)'
;MGSSHHHHHHSSGENLYFQHMRNTGSFNFGIGYGTESGVSFQAGVQQDNWLGTGYAVGINGTKNDYQTYAELSVTNPYFT
VDGVSLGGRLFYNDFQADDADLSDYTNKSYGTDVTLGFPINEYNSLRAGLGYVHNSLSNMQPQVAMWRYLYSMGEHPSTS
DQDNSFKTDDFTFNYGWTYNKLDRGYFPTDGSRVNLTGKVTIPGSDNEYYKVTLDTATYVPIDDDHKWVVLGRTRWGYGD
GLGGKEMPFYENFYAGGSSTVRGFQSNTIGPKAVYFPHQASNYDPDYDYESATQDGAKDLSKSDDAVGGNAMAVASLEFI
TPTPFISDKYANSVRTSFFWDMGTVWDTNWDSSQYSGYPDYSDPSNIRMSAGIALQWMSPLGPLVFSYAQPFKKYDGDKA
EQFQFNIGKTW
;
A
2 'polypeptide(L)'
;GPSQVQLVESGGGLVQAGGSLRLSCAASGRTFSRYAMAWFRRAPGKEREFVAAISASAGTIFYTDSVKGRFTISRDHAKN
TVSLQMNSLRPEDTAVYYCAAKTGTWATLDRRYDYWGQGTRVTVSA
;
B
#
# COMPACT_ATOMS: atom_id res chain seq x y z
N PHE A 27 -22.84 2.04 -19.97
CA PHE A 27 -22.24 1.83 -18.64
C PHE A 27 -21.42 0.54 -18.66
N ASN A 28 -20.10 0.70 -18.71
CA ASN A 28 -19.17 -0.41 -18.89
C ASN A 28 -18.51 -0.76 -17.57
N PHE A 29 -18.32 -2.06 -17.34
CA PHE A 29 -17.83 -2.56 -16.06
C PHE A 29 -16.47 -3.25 -16.23
N GLY A 30 -16.00 -3.84 -15.13
CA GLY A 30 -14.79 -4.63 -15.10
C GLY A 30 -14.55 -5.17 -13.71
N ILE A 31 -14.05 -6.40 -13.61
CA ILE A 31 -13.73 -7.00 -12.31
C ILE A 31 -12.41 -7.74 -12.45
N GLY A 32 -11.62 -7.73 -11.38
CA GLY A 32 -10.33 -8.42 -11.39
C GLY A 32 -10.01 -8.95 -10.01
N TYR A 33 -9.07 -9.90 -9.98
CA TYR A 33 -8.60 -10.50 -8.73
C TYR A 33 -7.11 -10.78 -8.85
N GLY A 34 -6.34 -10.29 -7.89
CA GLY A 34 -4.91 -10.49 -7.91
C GLY A 34 -4.32 -10.36 -6.52
N THR A 35 -3.07 -10.76 -6.37
CA THR A 35 -2.31 -10.73 -5.10
C THR A 35 -2.07 -9.30 -4.63
N GLU A 36 -1.73 -8.40 -5.56
CA GLU A 36 -1.35 -7.00 -5.23
C GLU A 36 -2.49 -6.18 -4.63
N SER A 37 -3.69 -6.20 -5.21
CA SER A 37 -4.82 -5.35 -4.74
C SER A 37 -6.07 -6.15 -4.35
N GLY A 38 -6.03 -7.49 -4.32
CA GLY A 38 -7.23 -8.23 -4.00
C GLY A 38 -8.22 -8.19 -5.15
N VAL A 39 -9.48 -7.95 -4.83
CA VAL A 39 -10.54 -7.93 -5.82
C VAL A 39 -10.80 -6.49 -6.24
N SER A 40 -10.75 -6.24 -7.54
CA SER A 40 -10.94 -4.89 -8.10
C SER A 40 -12.27 -4.82 -8.83
N PHE A 41 -12.96 -3.69 -8.63
CA PHE A 41 -14.21 -3.39 -9.32
C PHE A 41 -14.06 -2.06 -10.05
N GLN A 42 -14.59 -1.99 -11.27
CA GLN A 42 -14.47 -0.78 -12.10
C GLN A 42 -15.75 -0.61 -12.90
N ALA A 43 -16.26 0.62 -12.93
CA ALA A 43 -17.44 0.95 -13.72
C ALA A 43 -17.39 2.40 -14.16
N GLY A 44 -17.85 2.66 -15.38
CA GLY A 44 -17.84 4.01 -15.91
C GLY A 44 -18.61 4.09 -17.20
N VAL A 45 -18.74 5.32 -17.71
CA VAL A 45 -19.47 5.57 -18.95
C VAL A 45 -18.98 6.88 -19.53
N GLN A 46 -18.96 6.94 -20.87
CA GLN A 46 -18.44 8.09 -21.60
C GLN A 46 -19.44 8.50 -22.67
N GLN A 47 -19.68 9.81 -22.78
CA GLN A 47 -20.54 10.35 -23.82
C GLN A 47 -19.81 11.51 -24.49
N ASP A 48 -19.77 11.50 -25.81
CA ASP A 48 -19.05 12.50 -26.59
C ASP A 48 -20.03 13.43 -27.29
N ASN A 49 -19.58 14.67 -27.50
CA ASN A 49 -20.42 15.74 -28.05
C ASN A 49 -21.73 15.85 -27.27
N TRP A 50 -21.59 15.97 -25.95
CA TRP A 50 -22.72 16.10 -25.02
C TRP A 50 -23.67 17.20 -25.43
N LEU A 51 -24.88 16.83 -25.86
CA LEU A 51 -25.91 17.79 -26.24
C LEU A 51 -25.47 18.67 -27.42
N GLY A 52 -24.63 18.12 -28.29
CA GLY A 52 -24.19 18.87 -29.45
C GLY A 52 -23.42 20.13 -29.12
N THR A 53 -22.56 20.07 -28.10
CA THR A 53 -21.78 21.23 -27.68
C THR A 53 -20.28 21.04 -27.85
N GLY A 54 -19.83 19.86 -28.25
CA GLY A 54 -18.42 19.58 -28.44
C GLY A 54 -17.72 18.99 -27.23
N TYR A 55 -18.22 19.28 -26.04
CA TYR A 55 -17.61 18.79 -24.81
C TYR A 55 -17.92 17.32 -24.60
N ALA A 56 -17.00 16.62 -23.94
CA ALA A 56 -17.17 15.22 -23.57
C ALA A 56 -17.34 15.11 -22.06
N VAL A 57 -18.19 14.18 -21.62
CA VAL A 57 -18.48 13.97 -20.21
C VAL A 57 -18.30 12.50 -19.87
N GLY A 58 -17.83 12.24 -18.66
CA GLY A 58 -17.64 10.87 -18.21
C GLY A 58 -17.67 10.77 -16.70
N ILE A 59 -18.06 9.60 -16.21
CA ILE A 59 -18.06 9.32 -14.77
C ILE A 59 -17.43 7.94 -14.58
N ASN A 60 -16.39 7.87 -13.75
CA ASN A 60 -15.61 6.67 -13.57
C ASN A 60 -15.39 6.39 -12.10
N GLY A 61 -15.37 5.10 -11.74
CA GLY A 61 -15.13 4.69 -10.36
C GLY A 61 -14.43 3.36 -10.24
N THR A 62 -13.48 3.27 -9.32
CA THR A 62 -12.71 2.06 -9.07
C THR A 62 -12.73 1.75 -7.57
N LYS A 63 -12.75 0.46 -7.25
CA LYS A 63 -12.71 0.01 -5.86
C LYS A 63 -11.67 -1.10 -5.71
N ASN A 64 -10.78 -0.94 -4.74
CA ASN A 64 -9.75 -1.88 -4.37
C ASN A 64 -10.05 -2.45 -2.99
N ASP A 65 -9.20 -3.38 -2.54
CA ASP A 65 -9.23 -3.77 -1.14
C ASP A 65 -8.83 -2.60 -0.23
N TYR A 66 -8.05 -1.64 -0.76
CA TYR A 66 -7.57 -0.52 0.04
C TYR A 66 -8.00 0.85 -0.49
N GLN A 67 -8.64 0.92 -1.65
CA GLN A 67 -8.94 2.22 -2.27
C GLN A 67 -10.31 2.19 -2.92
N THR A 68 -11.09 3.25 -2.68
CA THR A 68 -12.31 3.54 -3.42
C THR A 68 -12.13 4.89 -4.09
N TYR A 69 -12.28 4.93 -5.41
CA TYR A 69 -12.01 6.13 -6.20
C TYR A 69 -13.19 6.39 -7.14
N ALA A 70 -13.52 7.66 -7.32
CA ALA A 70 -14.57 8.08 -8.24
C ALA A 70 -14.25 9.46 -8.77
N GLU A 71 -14.58 9.71 -10.04
CA GLU A 71 -14.27 10.98 -10.66
C GLU A 71 -15.39 11.38 -11.62
N LEU A 72 -15.38 12.66 -11.97
CA LEU A 72 -16.26 13.22 -12.99
C LEU A 72 -15.45 14.22 -13.80
N SER A 73 -15.46 14.07 -15.13
CA SER A 73 -14.59 14.84 -16.00
C SER A 73 -15.40 15.48 -17.12
N VAL A 74 -14.98 16.68 -17.52
CA VAL A 74 -15.58 17.42 -18.62
C VAL A 74 -14.44 17.99 -19.47
N THR A 75 -14.32 17.52 -20.70
CA THR A 75 -13.16 17.83 -21.54
C THR A 75 -13.61 18.54 -22.82
N ASN A 76 -12.80 19.50 -23.25
CA ASN A 76 -13.02 20.21 -24.52
C ASN A 76 -11.85 19.92 -25.44
N PRO A 77 -12.01 19.13 -26.50
CA PRO A 77 -10.90 18.84 -27.41
C PRO A 77 -10.59 19.92 -28.41
N TYR A 78 -11.27 21.07 -28.33
CA TYR A 78 -11.08 22.17 -29.27
C TYR A 78 -10.82 23.47 -28.52
N PHE A 79 -10.03 23.41 -27.43
CA PHE A 79 -9.61 24.63 -26.77
C PHE A 79 -8.88 25.55 -27.75
N THR A 80 -8.07 24.97 -28.63
CA THR A 80 -7.48 25.66 -29.75
C THR A 80 -7.68 24.80 -31.00
N VAL A 81 -7.73 25.46 -32.17
CA VAL A 81 -7.80 24.71 -33.42
C VAL A 81 -6.53 23.89 -33.62
N ASP A 82 -5.43 24.28 -32.98
CA ASP A 82 -4.18 23.55 -33.08
C ASP A 82 -4.30 22.12 -32.57
N GLY A 83 -5.37 21.81 -31.85
CA GLY A 83 -5.56 20.49 -31.29
C GLY A 83 -5.31 20.36 -29.81
N VAL A 84 -5.21 21.48 -29.09
CA VAL A 84 -4.96 21.45 -27.67
C VAL A 84 -6.29 21.27 -26.94
N SER A 85 -6.29 20.40 -25.94
CA SER A 85 -7.48 20.04 -25.18
C SER A 85 -7.41 20.69 -23.80
N LEU A 86 -8.55 21.16 -23.33
CA LEU A 86 -8.68 21.67 -21.97
C LEU A 86 -9.70 20.80 -21.24
N GLY A 87 -9.26 20.10 -20.21
CA GLY A 87 -10.12 19.17 -19.51
C GLY A 87 -10.11 19.41 -18.01
N GLY A 88 -11.25 19.17 -17.38
CA GLY A 88 -11.40 19.28 -15.96
C GLY A 88 -11.64 17.90 -15.32
N ARG A 89 -11.48 17.87 -13.99
CA ARG A 89 -11.66 16.62 -13.25
C ARG A 89 -12.14 16.94 -11.84
N LEU A 90 -13.10 16.17 -11.35
CA LEU A 90 -13.57 16.28 -9.97
C LEU A 90 -13.66 14.88 -9.39
N PHE A 91 -12.95 14.63 -8.29
CA PHE A 91 -12.74 13.28 -7.79
C PHE A 91 -12.80 13.26 -6.27
N TYR A 92 -13.09 12.08 -5.72
CA TYR A 92 -12.80 11.75 -4.33
C TYR A 92 -12.09 10.42 -4.27
N ASN A 93 -11.24 10.27 -3.25
CA ASN A 93 -10.44 9.07 -3.05
C ASN A 93 -10.42 8.77 -1.56
N ASP A 94 -10.67 7.50 -1.21
CA ASP A 94 -10.57 7.02 0.16
C ASP A 94 -9.51 5.92 0.19
N PHE A 95 -8.50 6.10 1.03
CA PHE A 95 -7.35 5.21 1.12
C PHE A 95 -7.23 4.73 2.56
N GLN A 96 -7.15 3.41 2.73
CA GLN A 96 -7.03 2.76 4.04
C GLN A 96 -5.67 2.06 4.05
N ALA A 97 -4.67 2.70 4.65
CA ALA A 97 -3.29 2.25 4.52
C ALA A 97 -3.08 0.87 5.12
N ASP A 98 -3.81 0.54 6.18
CA ASP A 98 -3.66 -0.79 6.77
C ASP A 98 -3.96 -1.86 5.74
N ASP A 99 -4.99 -1.66 4.91
CA ASP A 99 -5.37 -2.63 3.90
C ASP A 99 -4.36 -2.72 2.76
N ALA A 100 -3.43 -1.77 2.67
CA ALA A 100 -2.31 -1.84 1.74
C ALA A 100 -1.03 -2.31 2.43
N ASP A 101 -1.12 -2.75 3.69
CA ASP A 101 0.01 -3.27 4.44
C ASP A 101 1.05 -2.20 4.79
N LEU A 102 0.60 -0.98 5.04
CA LEU A 102 1.44 0.09 5.57
C LEU A 102 1.06 0.40 7.00
N SER A 103 1.90 1.16 7.70
CA SER A 103 1.52 1.61 9.04
C SER A 103 0.15 2.28 8.94
N ASP A 104 -0.73 1.98 9.89
CA ASP A 104 -2.14 2.30 9.71
C ASP A 104 -2.37 3.81 9.67
N TYR A 105 -3.22 4.23 8.73
CA TYR A 105 -3.78 5.57 8.71
C TYR A 105 -4.89 5.60 7.67
N THR A 106 -5.75 6.60 7.78
CA THR A 106 -6.82 6.82 6.82
C THR A 106 -6.63 8.18 6.15
N ASN A 107 -6.74 8.20 4.82
CA ASN A 107 -6.63 9.43 4.04
C ASN A 107 -7.84 9.49 3.14
N LYS A 108 -8.80 10.34 3.51
CA LYS A 108 -9.95 10.66 2.68
C LYS A 108 -9.70 12.00 2.02
N SER A 109 -9.63 12.00 0.69
CA SER A 109 -9.28 13.20 -0.06
C SER A 109 -10.28 13.48 -1.16
N TYR A 110 -10.25 14.71 -1.67
CA TYR A 110 -11.01 15.09 -2.84
C TYR A 110 -10.36 16.34 -3.43
N GLY A 111 -10.76 16.68 -4.64
CA GLY A 111 -10.21 17.86 -5.28
C GLY A 111 -10.61 17.95 -6.73
N THR A 112 -9.94 18.87 -7.43
CA THR A 112 -10.22 19.16 -8.83
C THR A 112 -8.91 19.31 -9.59
N ASP A 113 -9.00 19.18 -10.92
CA ASP A 113 -7.84 19.31 -11.78
C ASP A 113 -8.26 19.91 -13.10
N VAL A 114 -7.51 20.89 -13.59
CA VAL A 114 -7.67 21.46 -14.92
C VAL A 114 -6.34 21.30 -15.64
N THR A 115 -6.35 20.63 -16.79
CA THR A 115 -5.12 20.28 -17.46
C THR A 115 -5.25 20.52 -18.96
N LEU A 116 -4.18 21.03 -19.56
CA LEU A 116 -4.05 21.15 -21.00
C LEU A 116 -3.23 19.99 -21.54
N GLY A 117 -3.66 19.43 -22.66
CA GLY A 117 -2.90 18.41 -23.35
C GLY A 117 -2.45 18.85 -24.73
N PHE A 118 -1.13 18.85 -24.97
CA PHE A 118 -0.58 19.30 -26.25
C PHE A 118 -0.03 18.09 -27.01
N PRO A 119 -0.53 17.77 -28.19
CA PRO A 119 0.16 16.79 -29.03
C PRO A 119 1.38 17.40 -29.71
N ILE A 120 2.48 16.65 -29.70
CA ILE A 120 3.72 17.09 -30.32
C ILE A 120 3.96 16.40 -31.66
N ASN A 121 3.92 15.07 -31.67
CA ASN A 121 4.02 14.30 -32.90
C ASN A 121 3.37 12.94 -32.64
N GLU A 122 3.50 12.02 -33.59
CA GLU A 122 2.82 10.74 -33.45
C GLU A 122 3.20 10.04 -32.16
N TYR A 123 4.40 10.28 -31.64
CA TYR A 123 4.95 9.51 -30.53
C TYR A 123 5.18 10.33 -29.26
N ASN A 124 4.71 11.58 -29.22
CA ASN A 124 4.97 12.45 -28.07
C ASN A 124 3.79 13.37 -27.80
N SER A 125 3.50 13.57 -26.51
CA SER A 125 2.44 14.46 -26.07
C SER A 125 2.82 15.03 -24.71
N LEU A 126 2.29 16.23 -24.41
CA LEU A 126 2.60 16.91 -23.17
C LEU A 126 1.33 17.30 -22.43
N ARG A 127 1.44 17.43 -21.11
CA ARG A 127 0.34 17.83 -20.25
C ARG A 127 0.81 18.94 -19.32
N ALA A 128 -0.05 19.92 -19.11
CA ALA A 128 0.20 20.96 -18.11
C ALA A 128 -1.14 21.32 -17.48
N GLY A 129 -1.18 21.38 -16.16
CA GLY A 129 -2.44 21.64 -15.50
C GLY A 129 -2.28 22.17 -14.10
N LEU A 130 -3.41 22.55 -13.52
CA LEU A 130 -3.48 23.01 -12.14
C LEU A 130 -4.49 22.17 -11.38
N GLY A 131 -4.21 21.96 -10.10
CA GLY A 131 -5.04 21.11 -9.29
C GLY A 131 -5.27 21.70 -7.92
N TYR A 132 -6.38 21.27 -7.32
CA TYR A 132 -6.65 21.49 -5.91
C TYR A 132 -6.95 20.14 -5.28
N VAL A 133 -6.48 19.94 -4.05
CA VAL A 133 -6.70 18.68 -3.35
C VAL A 133 -6.79 18.97 -1.86
N HIS A 134 -7.84 18.43 -1.23
CA HIS A 134 -7.99 18.42 0.22
C HIS A 134 -7.73 17.02 0.75
N ASN A 135 -6.93 16.93 1.81
CA ASN A 135 -6.61 15.66 2.44
C ASN A 135 -7.11 15.69 3.88
N SER A 136 -7.90 14.69 4.26
CA SER A 136 -8.33 14.48 5.63
C SER A 136 -7.65 13.21 6.14
N LEU A 137 -6.70 13.37 7.05
CA LEU A 137 -5.98 12.24 7.64
C LEU A 137 -6.56 11.92 9.01
N SER A 138 -6.66 10.61 9.31
CA SER A 138 -7.18 10.13 10.57
C SER A 138 -6.58 8.76 10.84
N ASN A 139 -6.75 8.28 12.08
CA ASN A 139 -6.34 6.92 12.47
C ASN A 139 -4.84 6.71 12.31
N MET A 140 -4.05 7.75 12.54
CA MET A 140 -2.60 7.66 12.38
C MET A 140 -2.02 6.97 13.60
N GLN A 141 -1.51 5.76 13.42
CA GLN A 141 -0.83 5.07 14.52
C GLN A 141 0.55 5.69 14.71
N PRO A 142 0.80 6.40 15.82
CA PRO A 142 2.01 7.23 15.90
C PRO A 142 3.29 6.48 15.56
N GLN A 143 4.05 7.06 14.63
CA GLN A 143 5.35 6.53 14.23
C GLN A 143 6.29 7.70 13.95
N VAL A 144 7.59 7.40 13.95
CA VAL A 144 8.61 8.45 13.93
C VAL A 144 8.56 9.24 12.63
N ALA A 145 8.68 8.54 11.49
CA ALA A 145 8.77 9.26 10.22
C ALA A 145 7.50 10.08 9.96
N MET A 146 6.34 9.47 10.20
CA MET A 146 5.07 10.18 10.03
C MET A 146 5.00 11.40 10.92
N TRP A 147 5.43 11.26 12.17
CA TRP A 147 5.41 12.39 13.09
C TRP A 147 6.47 13.43 12.73
N ARG A 148 7.57 13.01 12.11
CA ARG A 148 8.58 13.97 11.65
C ARG A 148 7.98 14.92 10.64
N TYR A 149 7.15 14.41 9.73
CA TYR A 149 6.47 15.28 8.78
C TYR A 149 5.50 16.22 9.51
N LEU A 150 4.73 15.68 10.46
CA LEU A 150 3.77 16.51 11.17
C LEU A 150 4.47 17.62 11.95
N TYR A 151 5.61 17.32 12.58
CA TYR A 151 6.36 18.35 13.27
C TYR A 151 6.80 19.45 12.30
N SER A 152 7.16 19.07 11.06
CA SER A 152 7.53 20.07 10.08
C SER A 152 6.36 20.94 9.66
N MET A 153 5.13 20.52 9.95
CA MET A 153 3.94 21.31 9.62
C MET A 153 3.42 22.10 10.82
N GLY A 154 4.17 22.14 11.92
CA GLY A 154 3.77 22.88 13.10
C GLY A 154 2.80 22.17 14.01
N GLU A 155 2.29 21.00 13.62
CA GLU A 155 1.37 20.25 14.47
C GLU A 155 2.15 19.41 15.49
N HIS A 156 1.58 19.28 16.67
CA HIS A 156 2.19 18.54 17.78
C HIS A 156 1.18 17.58 18.40
N PRO A 157 0.73 16.59 17.62
CA PRO A 157 -0.22 15.61 18.17
C PRO A 157 0.45 14.64 19.13
N SER A 158 -0.34 14.11 20.05
CA SER A 158 0.19 13.15 21.01
C SER A 158 0.74 11.92 20.31
N THR A 159 1.75 11.32 20.94
CA THR A 159 2.36 10.09 20.46
C THR A 159 1.72 8.84 21.09
N SER A 160 0.61 8.99 21.80
CA SER A 160 -0.01 7.88 22.52
C SER A 160 -1.45 7.62 22.11
N ASP A 161 -1.93 8.23 21.01
CA ASP A 161 -3.33 8.17 20.65
C ASP A 161 -3.46 8.09 19.14
N GLN A 162 -4.01 6.97 18.65
CA GLN A 162 -4.30 6.82 17.23
C GLN A 162 -5.53 7.62 16.80
N ASP A 163 -6.34 8.12 17.74
CA ASP A 163 -7.54 8.88 17.42
C ASP A 163 -7.15 10.35 17.27
N ASN A 164 -6.67 10.67 16.07
CA ASN A 164 -6.11 11.98 15.76
C ASN A 164 -6.70 12.47 14.43
N SER A 165 -6.26 13.66 14.00
CA SER A 165 -6.80 14.24 12.78
C SER A 165 -5.84 15.31 12.26
N PHE A 166 -5.72 15.38 10.93
CA PHE A 166 -4.88 16.37 10.28
C PHE A 166 -5.43 16.58 8.87
N LYS A 167 -5.72 17.85 8.53
CA LYS A 167 -6.31 18.21 7.26
C LYS A 167 -5.43 19.23 6.55
N THR A 168 -5.33 19.11 5.22
CA THR A 168 -4.58 20.05 4.41
C THR A 168 -5.38 20.43 3.17
N ASP A 169 -5.08 21.62 2.65
CA ASP A 169 -5.64 22.10 1.39
C ASP A 169 -4.51 22.63 0.54
N ASP A 170 -4.27 21.99 -0.60
CA ASP A 170 -3.13 22.30 -1.44
C ASP A 170 -3.55 22.67 -2.85
N PHE A 171 -2.71 23.45 -3.52
CA PHE A 171 -2.84 23.78 -4.92
C PHE A 171 -1.53 23.44 -5.60
N THR A 172 -1.60 22.85 -6.80
CA THR A 172 -0.42 22.32 -7.44
C THR A 172 -0.41 22.71 -8.92
N PHE A 173 0.80 22.85 -9.45
CA PHE A 173 1.04 22.79 -10.90
C PHE A 173 1.45 21.36 -11.24
N ASN A 174 0.84 20.80 -12.29
CA ASN A 174 1.12 19.43 -12.73
C ASN A 174 1.56 19.46 -14.19
N TYR A 175 2.50 18.60 -14.54
CA TYR A 175 2.98 18.46 -15.91
C TYR A 175 3.32 17.00 -16.18
N GLY A 176 3.36 16.65 -17.45
CA GLY A 176 3.65 15.28 -17.85
C GLY A 176 4.07 15.21 -19.29
N TRP A 177 4.92 14.21 -19.59
CA TRP A 177 5.36 13.89 -20.95
C TRP A 177 5.20 12.40 -21.20
N THR A 178 4.65 12.05 -22.36
CA THR A 178 4.47 10.66 -22.74
C THR A 178 5.12 10.42 -24.08
N TYR A 179 6.07 9.49 -24.12
CA TYR A 179 6.66 8.98 -25.35
C TYR A 179 6.22 7.53 -25.54
N ASN A 180 5.75 7.20 -26.74
CA ASN A 180 5.30 5.84 -27.04
C ASN A 180 5.53 5.56 -28.52
N LYS A 181 6.46 4.65 -28.82
CA LYS A 181 6.72 4.19 -30.17
C LYS A 181 6.95 2.68 -30.11
N LEU A 182 5.88 1.95 -29.80
CA LEU A 182 5.90 0.49 -29.79
C LEU A 182 5.34 -0.04 -31.10
N ASP A 183 5.78 -1.24 -31.47
CA ASP A 183 5.29 -1.83 -32.72
C ASP A 183 3.83 -2.26 -32.62
N ARG A 184 3.36 -2.56 -31.42
CA ARG A 184 1.95 -2.88 -31.20
C ARG A 184 1.66 -2.74 -29.71
N GLY A 185 0.38 -2.59 -29.38
CA GLY A 185 -0.01 -2.34 -28.01
C GLY A 185 0.10 -3.58 -27.13
N TYR A 186 -0.51 -4.68 -27.54
CA TYR A 186 -0.49 -5.93 -26.77
C TYR A 186 0.75 -6.74 -27.14
N PHE A 187 1.38 -7.33 -26.13
CA PHE A 187 2.61 -8.11 -26.28
C PHE A 187 3.59 -7.38 -27.22
N PRO A 188 4.11 -6.18 -26.88
CA PRO A 188 5.02 -5.48 -27.78
C PRO A 188 6.35 -6.24 -27.98
N THR A 189 6.91 -6.21 -29.19
CA THR A 189 8.23 -6.84 -29.49
C THR A 189 9.34 -5.81 -29.76
N ASP A 190 9.03 -4.57 -30.17
CA ASP A 190 10.06 -3.55 -30.47
C ASP A 190 9.54 -2.15 -30.14
N GLY A 191 10.41 -1.28 -29.62
CA GLY A 191 10.10 0.10 -29.32
C GLY A 191 10.21 0.39 -27.84
N SER A 192 9.91 1.64 -27.49
CA SER A 192 10.02 2.11 -26.12
C SER A 192 8.79 2.89 -25.71
N ARG A 193 8.56 2.94 -24.40
CA ARG A 193 7.49 3.71 -23.79
C ARG A 193 8.12 4.47 -22.63
N VAL A 194 7.85 5.77 -22.53
CA VAL A 194 8.41 6.59 -21.47
C VAL A 194 7.33 7.55 -20.98
N ASN A 195 7.09 7.56 -19.67
CA ASN A 195 6.13 8.47 -19.06
C ASN A 195 6.86 9.25 -17.98
N LEU A 196 6.76 10.58 -18.05
CA LEU A 196 7.32 11.47 -17.03
C LEU A 196 6.18 12.30 -16.47
N THR A 197 6.08 12.36 -15.14
CA THR A 197 5.07 13.16 -14.47
C THR A 197 5.73 13.94 -13.34
N GLY A 198 5.26 15.15 -13.13
CA GLY A 198 5.76 15.97 -12.04
C GLY A 198 4.68 16.89 -11.51
N LYS A 199 4.88 17.32 -10.27
CA LYS A 199 3.98 18.28 -9.64
C LYS A 199 4.78 19.11 -8.64
N VAL A 200 4.23 20.27 -8.31
CA VAL A 200 4.83 21.14 -7.29
C VAL A 200 3.72 22.02 -6.72
N THR A 201 3.79 22.26 -5.40
CA THR A 201 2.78 23.05 -4.73
C THR A 201 2.91 24.51 -5.13
N ILE A 202 1.77 25.20 -5.17
CA ILE A 202 1.72 26.64 -5.47
C ILE A 202 1.70 27.40 -4.16
N PRO A 203 2.47 28.49 -4.01
CA PRO A 203 2.45 29.24 -2.75
C PRO A 203 1.01 29.57 -2.34
N GLY A 204 0.79 29.57 -1.03
CA GLY A 204 -0.53 29.66 -0.46
C GLY A 204 -1.11 28.32 -0.03
N SER A 205 -0.51 27.22 -0.45
CA SER A 205 -0.99 25.91 -0.05
C SER A 205 -0.59 25.60 1.40
N ASP A 206 -1.11 24.49 1.91
CA ASP A 206 -0.67 24.03 3.21
C ASP A 206 0.72 23.40 3.13
N ASN A 207 0.88 22.42 2.23
CA ASN A 207 2.16 21.77 2.02
C ASN A 207 3.04 22.58 1.07
N GLU A 208 4.34 22.35 1.18
CA GLU A 208 5.35 22.92 0.29
C GLU A 208 6.25 21.78 -0.15
N TYR A 209 6.11 21.34 -1.40
CA TYR A 209 6.91 20.22 -1.88
C TYR A 209 6.78 20.06 -3.38
N TYR A 210 7.66 19.22 -3.93
CA TYR A 210 7.61 18.80 -5.33
C TYR A 210 7.74 17.28 -5.40
N LYS A 211 7.30 16.71 -6.52
CA LYS A 211 7.30 15.26 -6.70
C LYS A 211 7.41 14.93 -8.18
N VAL A 212 8.36 14.07 -8.53
CA VAL A 212 8.62 13.67 -9.91
C VAL A 212 8.68 12.15 -9.99
N THR A 213 8.31 11.61 -11.17
CA THR A 213 8.37 10.18 -11.43
C THR A 213 8.71 9.94 -12.90
N LEU A 214 9.50 8.90 -13.16
CA LEU A 214 9.88 8.52 -14.51
C LEU A 214 9.70 7.02 -14.69
N ASP A 215 8.89 6.63 -15.66
CA ASP A 215 8.67 5.24 -16.02
C ASP A 215 9.15 5.01 -17.45
N THR A 216 9.86 3.90 -17.67
CA THR A 216 10.34 3.56 -18.99
C THR A 216 10.19 2.05 -19.23
N ALA A 217 10.02 1.69 -20.49
CA ALA A 217 9.97 0.30 -20.92
C ALA A 217 10.53 0.26 -22.33
N THR A 218 11.45 -0.67 -22.58
CA THR A 218 12.15 -0.77 -23.87
C THR A 218 12.18 -2.23 -24.31
N TYR A 219 11.57 -2.52 -25.45
CA TYR A 219 11.59 -3.85 -26.06
C TYR A 219 12.61 -3.88 -27.20
N VAL A 220 13.49 -4.88 -27.19
CA VAL A 220 14.51 -5.05 -28.20
C VAL A 220 14.39 -6.47 -28.75
N PRO A 221 14.09 -6.66 -30.04
CA PRO A 221 14.02 -8.02 -30.59
C PRO A 221 15.40 -8.58 -30.91
N ILE A 222 15.59 -9.86 -30.56
CA ILE A 222 16.88 -10.53 -30.79
C ILE A 222 16.86 -11.28 -32.13
N ASP A 223 15.82 -12.06 -32.37
CA ASP A 223 15.70 -12.85 -33.58
C ASP A 223 14.94 -12.07 -34.65
N ASP A 224 15.10 -12.50 -35.91
CA ASP A 224 14.45 -11.82 -37.02
C ASP A 224 12.94 -11.90 -36.91
N ASP A 225 12.41 -12.97 -36.31
CA ASP A 225 10.98 -13.18 -36.19
C ASP A 225 10.39 -12.57 -34.91
N HIS A 226 11.21 -11.98 -34.05
CA HIS A 226 10.75 -11.25 -32.88
C HIS A 226 10.07 -12.15 -31.85
N LYS A 227 10.44 -13.43 -31.80
CA LYS A 227 9.95 -14.34 -30.78
C LYS A 227 10.82 -14.36 -29.53
N TRP A 228 12.09 -13.97 -29.65
CA TRP A 228 12.98 -13.74 -28.53
C TRP A 228 13.19 -12.23 -28.36
N VAL A 229 12.80 -11.71 -27.21
CA VAL A 229 12.79 -10.25 -26.99
C VAL A 229 13.34 -9.96 -25.60
N VAL A 230 14.15 -8.92 -25.51
CA VAL A 230 14.66 -8.41 -24.24
C VAL A 230 13.89 -7.15 -23.86
N LEU A 231 13.32 -7.15 -22.66
CA LEU A 231 12.54 -6.05 -22.14
C LEU A 231 13.28 -5.43 -20.96
N GLY A 232 13.59 -4.14 -21.06
CA GLY A 232 14.18 -3.39 -19.96
C GLY A 232 13.24 -2.33 -19.42
N ARG A 233 12.89 -2.44 -18.14
CA ARG A 233 11.96 -1.54 -17.47
C ARG A 233 12.69 -0.79 -16.37
N THR A 234 12.38 0.49 -16.21
CA THR A 234 12.89 1.30 -15.10
C THR A 234 11.76 2.15 -14.55
N ARG A 235 11.85 2.45 -13.26
CA ARG A 235 10.89 3.32 -12.59
C ARG A 235 11.65 4.12 -11.54
N TRP A 236 11.52 5.44 -11.60
CA TRP A 236 12.21 6.33 -10.69
C TRP A 236 11.22 7.31 -10.09
N GLY A 237 11.46 7.68 -8.83
CA GLY A 237 10.64 8.67 -8.16
C GLY A 237 11.47 9.43 -7.16
N TYR A 238 11.23 10.74 -7.07
CA TYR A 238 11.92 11.55 -6.06
C TYR A 238 11.08 12.77 -5.72
N GLY A 239 10.90 13.01 -4.43
CA GLY A 239 10.19 14.19 -3.96
C GLY A 239 10.82 14.68 -2.67
N ASP A 240 10.63 15.96 -2.39
CA ASP A 240 11.16 16.54 -1.15
C ASP A 240 10.42 17.85 -0.87
N GLY A 241 10.55 18.31 0.37
CA GLY A 241 9.89 19.52 0.81
C GLY A 241 10.66 20.77 0.44
N LEU A 242 10.09 21.90 0.85
CA LEU A 242 10.68 23.20 0.57
C LEU A 242 10.59 24.07 1.81
N GLY A 243 11.68 24.76 2.14
CA GLY A 243 11.69 25.67 3.26
C GLY A 243 11.23 25.06 4.56
N GLY A 244 11.96 24.06 5.04
CA GLY A 244 11.70 23.44 6.34
C GLY A 244 10.68 22.33 6.35
N LYS A 245 9.65 22.45 5.51
CA LYS A 245 8.63 21.42 5.45
C LYS A 245 9.14 20.19 4.71
N GLU A 246 8.46 19.07 4.92
CA GLU A 246 8.76 17.83 4.22
C GLU A 246 7.62 17.47 3.29
N MET A 247 7.87 16.51 2.41
CA MET A 247 6.81 15.96 1.59
C MET A 247 5.88 15.13 2.46
N PRO A 248 4.57 15.20 2.23
CA PRO A 248 3.63 14.45 3.09
C PRO A 248 3.78 12.94 2.88
N PHE A 249 3.71 12.20 3.99
CA PHE A 249 3.86 10.75 3.90
C PHE A 249 2.81 10.13 2.98
N TYR A 250 1.66 10.78 2.79
CA TYR A 250 0.63 10.23 1.92
C TYR A 250 0.89 10.51 0.44
N GLU A 251 2.10 10.95 0.08
CA GLU A 251 2.56 11.00 -1.29
C GLU A 251 3.77 10.10 -1.51
N ASN A 252 4.16 9.33 -0.50
CA ASN A 252 5.31 8.46 -0.60
C ASN A 252 5.25 7.51 -1.79
N PHE A 253 6.41 7.06 -2.24
CA PHE A 253 6.51 5.98 -3.20
C PHE A 253 6.56 4.63 -2.48
N TYR A 254 6.26 3.58 -3.22
CA TYR A 254 6.25 2.22 -2.70
C TYR A 254 6.86 1.28 -3.73
N ALA A 255 7.52 0.23 -3.25
CA ALA A 255 8.12 -0.77 -4.12
C ALA A 255 7.88 -2.15 -3.53
N GLY A 256 7.87 -3.15 -4.41
CA GLY A 256 7.51 -4.50 -3.99
C GLY A 256 6.14 -4.86 -4.50
N GLY A 257 6.02 -6.00 -5.16
CA GLY A 257 4.76 -6.47 -5.70
C GLY A 257 4.87 -6.76 -7.19
N SER A 258 3.73 -7.18 -7.75
CA SER A 258 3.73 -7.72 -9.10
C SER A 258 4.19 -6.71 -10.14
N SER A 259 3.95 -5.42 -9.91
CA SER A 259 4.21 -4.40 -10.90
C SER A 259 5.57 -3.73 -10.74
N THR A 260 6.35 -4.09 -9.72
CA THR A 260 7.67 -3.51 -9.52
C THR A 260 8.72 -4.58 -9.28
N VAL A 261 8.72 -5.20 -8.12
CA VAL A 261 9.73 -6.21 -7.79
C VAL A 261 8.99 -7.49 -7.41
N ARG A 262 8.78 -8.36 -8.39
CA ARG A 262 8.12 -9.63 -8.14
C ARG A 262 8.90 -10.47 -7.14
N GLY A 263 8.17 -11.25 -6.36
CA GLY A 263 8.76 -12.02 -5.29
C GLY A 263 8.73 -11.34 -3.95
N PHE A 264 8.25 -10.10 -3.90
CA PHE A 264 8.08 -9.32 -2.69
C PHE A 264 6.62 -8.96 -2.54
N GLN A 265 6.12 -9.04 -1.30
CA GLN A 265 4.75 -8.64 -1.00
C GLN A 265 4.58 -7.17 -1.30
N SER A 266 3.37 -6.80 -1.71
CA SER A 266 3.16 -5.45 -2.21
C SER A 266 3.53 -4.42 -1.15
N ASN A 267 4.41 -3.50 -1.54
CA ASN A 267 4.80 -2.33 -0.77
C ASN A 267 5.81 -2.61 0.33
N THR A 268 6.35 -3.83 0.43
CA THR A 268 7.18 -4.18 1.56
C THR A 268 8.55 -3.53 1.50
N ILE A 269 9.00 -3.12 0.31
CA ILE A 269 10.38 -2.71 0.12
C ILE A 269 10.57 -1.28 0.63
N GLY A 270 11.59 -1.09 1.46
CA GLY A 270 11.96 0.22 1.94
C GLY A 270 11.88 0.36 3.45
N PRO A 271 11.70 1.59 3.92
CA PRO A 271 11.65 1.83 5.36
C PRO A 271 10.47 1.15 6.03
N LYS A 272 10.67 0.84 7.31
CA LYS A 272 9.66 0.25 8.17
C LYS A 272 9.35 1.21 9.32
N ALA A 273 8.14 1.09 9.87
CA ALA A 273 7.69 2.02 10.89
C ALA A 273 8.38 1.77 12.22
N VAL A 274 8.76 2.88 12.87
CA VAL A 274 9.27 2.90 14.24
C VAL A 274 8.18 3.55 15.09
N TYR A 275 7.53 2.76 15.95
CA TYR A 275 6.33 3.17 16.65
C TYR A 275 6.63 3.76 18.01
N PHE A 276 5.82 4.76 18.40
CA PHE A 276 5.90 5.37 19.71
C PHE A 276 5.13 4.56 20.75
N PRO A 277 5.45 4.70 22.03
CA PRO A 277 4.74 3.95 23.07
C PRO A 277 3.34 4.47 23.29
N HIS A 278 2.54 3.67 23.99
CA HIS A 278 1.13 3.95 24.22
C HIS A 278 0.83 3.91 25.71
N GLN A 279 0.27 4.99 26.24
CA GLN A 279 -0.20 5.03 27.62
C GLN A 279 -1.57 5.69 27.65
N ALA A 280 -2.49 5.09 28.40
CA ALA A 280 -3.85 5.61 28.53
C ALA A 280 -4.11 6.12 29.95
N LYS A 298 13.60 7.20 26.24
CA LYS A 298 13.36 7.00 24.81
C LYS A 298 13.24 5.51 24.49
N ASP A 299 12.00 5.00 24.52
CA ASP A 299 11.74 3.59 24.24
C ASP A 299 10.75 3.49 23.06
N LEU A 300 11.23 2.98 21.94
CA LEU A 300 10.45 2.85 20.72
C LEU A 300 10.37 1.38 20.32
N SER A 301 9.53 1.09 19.34
CA SER A 301 9.27 -0.27 18.90
C SER A 301 9.63 -0.42 17.43
N LYS A 302 10.39 -1.47 17.12
CA LYS A 302 10.68 -1.82 15.73
C LYS A 302 9.45 -2.48 15.11
N SER A 303 9.45 -2.58 13.79
CA SER A 303 8.33 -3.20 13.10
C SER A 303 8.77 -3.63 11.72
N ASP A 304 7.93 -4.47 11.10
CA ASP A 304 8.03 -4.80 9.68
C ASP A 304 6.85 -4.25 8.88
N ASP A 305 6.18 -3.22 9.40
CA ASP A 305 5.11 -2.55 8.67
C ASP A 305 5.74 -1.49 7.78
N ALA A 306 5.63 -1.67 6.47
CA ALA A 306 6.22 -0.71 5.55
C ALA A 306 5.55 0.66 5.72
N VAL A 307 6.26 1.69 5.29
CA VAL A 307 5.68 3.04 5.27
C VAL A 307 5.91 3.74 3.95
N GLY A 308 6.82 3.26 3.10
CA GLY A 308 7.18 3.96 1.89
C GLY A 308 8.29 4.96 2.14
N GLY A 309 8.63 5.71 1.10
CA GLY A 309 9.65 6.74 1.21
C GLY A 309 9.53 7.76 0.11
N ASN A 310 10.32 8.84 0.23
CA ASN A 310 10.28 9.94 -0.72
C ASN A 310 11.29 9.79 -1.85
N ALA A 311 11.93 8.63 -1.95
CA ALA A 311 12.84 8.31 -3.05
C ALA A 311 12.73 6.83 -3.37
N MET A 312 12.70 6.52 -4.67
CA MET A 312 12.49 5.16 -5.16
C MET A 312 13.29 4.94 -6.44
N ALA A 313 13.85 3.74 -6.57
CA ALA A 313 14.54 3.33 -7.79
C ALA A 313 14.26 1.85 -8.01
N VAL A 314 13.67 1.53 -9.17
CA VAL A 314 13.26 0.17 -9.52
C VAL A 314 13.67 -0.12 -10.95
N ALA A 315 14.28 -1.28 -11.17
CA ALA A 315 14.69 -1.71 -12.51
C ALA A 315 14.45 -3.21 -12.67
N SER A 316 14.31 -3.63 -13.92
CA SER A 316 13.96 -5.02 -14.24
C SER A 316 14.46 -5.35 -15.64
N LEU A 317 15.08 -6.53 -15.77
CA LEU A 317 15.54 -7.08 -17.03
C LEU A 317 14.79 -8.38 -17.28
N GLU A 318 14.07 -8.46 -18.39
CA GLU A 318 13.22 -9.59 -18.70
C GLU A 318 13.58 -10.17 -20.05
N PHE A 319 13.66 -11.50 -20.12
CA PHE A 319 13.99 -12.21 -21.34
C PHE A 319 12.76 -12.98 -21.81
N ILE A 320 12.12 -12.49 -22.86
CA ILE A 320 10.92 -13.09 -23.41
C ILE A 320 11.32 -14.16 -24.41
N THR A 321 10.68 -15.32 -24.30
CA THR A 321 11.00 -16.47 -25.14
C THR A 321 9.71 -17.00 -25.75
N PRO A 322 9.79 -17.89 -26.77
CA PRO A 322 8.59 -18.54 -27.29
C PRO A 322 8.11 -19.55 -26.24
N THR A 323 6.81 -19.83 -26.17
CA THR A 323 6.23 -20.81 -25.22
C THR A 323 6.70 -22.19 -25.72
N PRO A 324 7.24 -23.10 -24.88
CA PRO A 324 7.85 -24.34 -25.40
C PRO A 324 6.99 -25.34 -26.19
N PHE A 325 5.80 -25.69 -25.71
CA PHE A 325 4.92 -26.69 -26.40
C PHE A 325 3.70 -26.04 -27.04
N ILE A 326 3.57 -24.72 -26.97
CA ILE A 326 2.38 -23.96 -27.48
C ILE A 326 2.72 -23.27 -28.81
N SER A 327 3.88 -23.55 -29.40
CA SER A 327 4.34 -22.91 -30.66
C SER A 327 3.71 -23.61 -31.86
N ASP A 328 2.42 -23.35 -32.09
CA ASP A 328 1.63 -23.87 -33.23
C ASP A 328 1.62 -22.88 -34.42
N LYS A 329 2.28 -21.70 -34.29
CA LYS A 329 2.45 -20.52 -35.21
C LYS A 329 1.32 -19.49 -34.96
N TYR A 330 0.41 -19.72 -34.00
CA TYR A 330 -0.66 -18.80 -33.59
C TYR A 330 -0.62 -18.83 -32.06
N ALA A 331 0.53 -18.39 -31.55
CA ALA A 331 0.94 -18.35 -30.12
C ALA A 331 1.00 -16.90 -29.62
N ASN A 332 0.31 -15.98 -30.29
CA ASN A 332 0.27 -14.54 -29.92
C ASN A 332 -0.61 -14.41 -28.68
N SER A 333 -1.27 -15.47 -28.23
CA SER A 333 -2.13 -15.39 -27.06
C SER A 333 -1.38 -15.60 -25.76
N VAL A 334 -0.13 -16.05 -25.81
CA VAL A 334 0.64 -16.34 -24.61
C VAL A 334 2.03 -15.76 -24.76
N ARG A 335 2.60 -15.31 -23.64
CA ARG A 335 3.95 -14.79 -23.59
C ARG A 335 4.65 -15.34 -22.37
N THR A 336 5.81 -15.96 -22.59
CA THR A 336 6.63 -16.56 -21.55
C THR A 336 7.91 -15.74 -21.39
N SER A 337 8.36 -15.57 -20.15
CA SER A 337 9.56 -14.78 -19.91
C SER A 337 10.23 -15.17 -18.60
N PHE A 338 11.53 -14.89 -18.54
CA PHE A 338 12.34 -15.00 -17.33
C PHE A 338 12.85 -13.61 -16.99
N PHE A 339 12.91 -13.29 -15.69
CA PHE A 339 13.17 -11.90 -15.30
C PHE A 339 14.08 -11.83 -14.08
N TRP A 340 14.70 -10.66 -13.95
CA TRP A 340 15.51 -10.26 -12.80
C TRP A 340 15.03 -8.86 -12.40
N ASP A 341 14.39 -8.76 -11.23
CA ASP A 341 13.85 -7.51 -10.72
C ASP A 341 14.71 -6.97 -9.58
N MET A 342 14.75 -5.64 -9.45
CA MET A 342 15.48 -5.00 -8.37
C MET A 342 14.86 -3.65 -8.07
N GLY A 343 14.98 -3.21 -6.82
CA GLY A 343 14.40 -1.94 -6.43
C GLY A 343 14.83 -1.53 -5.04
N THR A 344 14.70 -0.23 -4.79
CA THR A 344 15.01 0.33 -3.48
C THR A 344 14.12 1.54 -3.21
N VAL A 345 13.80 1.74 -1.94
CA VAL A 345 13.02 2.88 -1.46
C VAL A 345 13.65 3.35 -0.16
N TRP A 346 13.92 4.66 -0.04
CA TRP A 346 14.55 5.20 1.16
C TRP A 346 13.95 6.54 1.56
N ASP A 347 14.25 6.95 2.79
CA ASP A 347 13.73 8.19 3.38
C ASP A 347 14.91 9.14 3.57
N THR A 348 15.07 10.08 2.64
CA THR A 348 16.23 10.96 2.68
C THR A 348 16.31 11.78 3.97
N ASN A 349 15.20 11.94 4.68
CA ASN A 349 15.15 12.75 5.89
C ASN A 349 15.25 11.93 7.17
N TRP A 350 15.54 10.63 7.08
CA TRP A 350 15.73 9.83 8.28
C TRP A 350 17.03 10.26 8.96
N ASP A 351 16.95 10.52 10.26
CA ASP A 351 18.09 10.97 11.06
C ASP A 351 18.68 9.77 11.80
N SER A 352 19.56 9.04 11.12
CA SER A 352 20.08 7.79 11.68
C SER A 352 20.80 8.01 13.00
N SER A 353 21.35 9.21 13.22
CA SER A 353 22.11 9.47 14.43
C SER A 353 21.21 9.47 15.66
N GLN A 354 20.03 10.08 15.56
CA GLN A 354 19.11 10.11 16.69
C GLN A 354 18.46 8.75 16.96
N TYR A 355 18.53 7.83 16.00
CA TYR A 355 17.89 6.52 16.11
C TYR A 355 18.91 5.43 15.78
N SER A 356 19.98 5.40 16.57
CA SER A 356 21.07 4.47 16.32
C SER A 356 20.61 3.02 16.47
N GLY A 357 19.71 2.76 17.41
CA GLY A 357 19.23 1.41 17.63
C GLY A 357 18.43 0.84 16.49
N TYR A 358 18.20 1.60 15.43
CA TYR A 358 17.35 1.17 14.31
C TYR A 358 18.10 1.40 13.01
N PRO A 359 17.76 0.62 11.96
CA PRO A 359 18.50 0.74 10.70
C PRO A 359 18.55 2.16 10.16
N ASP A 360 19.45 2.41 9.21
CA ASP A 360 19.58 3.72 8.56
C ASP A 360 18.67 3.71 7.33
N TYR A 361 17.44 4.20 7.51
CA TYR A 361 16.45 4.19 6.45
C TYR A 361 16.71 5.25 5.38
N SER A 362 17.76 6.05 5.52
CA SER A 362 18.14 7.00 4.49
C SER A 362 19.16 6.42 3.51
N ASP A 363 19.71 5.25 3.78
CA ASP A 363 20.71 4.66 2.89
C ASP A 363 20.03 4.20 1.60
N PRO A 364 20.52 4.61 0.43
CA PRO A 364 19.89 4.20 -0.83
C PRO A 364 20.36 2.87 -1.38
N SER A 365 21.32 2.21 -0.72
CA SER A 365 22.05 1.09 -1.32
C SER A 365 21.52 -0.28 -0.92
N ASN A 366 20.44 -0.36 -0.16
CA ASN A 366 19.87 -1.64 0.23
C ASN A 366 18.95 -2.11 -0.89
N ILE A 367 19.58 -2.62 -1.95
CA ILE A 367 18.89 -2.94 -3.19
C ILE A 367 18.37 -4.37 -3.10
N ARG A 368 17.05 -4.51 -3.09
CA ARG A 368 16.43 -5.82 -3.15
C ARG A 368 16.53 -6.35 -4.57
N MET A 369 16.59 -7.69 -4.69
CA MET A 369 16.69 -8.35 -5.98
C MET A 369 15.91 -9.66 -5.94
N SER A 370 15.36 -10.04 -7.09
CA SER A 370 14.64 -11.30 -7.24
C SER A 370 14.87 -11.82 -8.65
N ALA A 371 14.46 -13.07 -8.88
CA ALA A 371 14.54 -13.72 -10.18
C ALA A 371 13.47 -14.78 -10.26
N GLY A 372 12.87 -14.95 -11.43
CA GLY A 372 11.72 -15.82 -11.54
C GLY A 372 11.25 -15.95 -12.97
N ILE A 373 10.05 -16.54 -13.09
CA ILE A 373 9.43 -16.84 -14.36
C ILE A 373 8.03 -16.27 -14.36
N ALA A 374 7.52 -15.97 -15.54
CA ALA A 374 6.23 -15.34 -15.68
C ALA A 374 5.54 -15.86 -16.93
N LEU A 375 4.22 -15.91 -16.87
CA LEU A 375 3.40 -16.34 -18.00
C LEU A 375 2.21 -15.40 -18.09
N GLN A 376 1.98 -14.86 -19.28
CA GLN A 376 0.81 -14.05 -19.58
C GLN A 376 0.00 -14.75 -20.66
N TRP A 377 -1.32 -14.72 -20.51
CA TRP A 377 -2.19 -15.47 -21.41
C TRP A 377 -3.47 -14.69 -21.65
N MET A 378 -3.77 -14.41 -22.91
CA MET A 378 -5.05 -13.82 -23.31
C MET A 378 -6.04 -14.97 -23.50
N SER A 379 -6.55 -15.47 -22.38
CA SER A 379 -7.43 -16.63 -22.40
C SER A 379 -8.86 -16.23 -22.74
N PRO A 380 -9.69 -17.17 -23.17
CA PRO A 380 -11.10 -16.84 -23.49
C PRO A 380 -11.92 -16.43 -22.28
N LEU A 381 -11.40 -16.61 -21.06
CA LEU A 381 -12.07 -16.12 -19.86
C LEU A 381 -11.52 -14.77 -19.41
N GLY A 382 -10.45 -14.28 -20.02
CA GLY A 382 -9.93 -12.97 -19.72
C GLY A 382 -8.42 -12.94 -19.61
N PRO A 383 -7.86 -11.74 -19.46
CA PRO A 383 -6.40 -11.61 -19.31
C PRO A 383 -5.89 -12.36 -18.08
N LEU A 384 -4.76 -13.06 -18.26
CA LEU A 384 -4.18 -13.88 -17.22
C LEU A 384 -2.68 -13.59 -17.10
N VAL A 385 -2.23 -13.37 -15.87
CA VAL A 385 -0.81 -13.16 -15.60
C VAL A 385 -0.44 -13.83 -14.29
N PHE A 386 0.62 -14.64 -14.30
CA PHE A 386 1.16 -15.14 -13.04
C PHE A 386 2.66 -15.26 -13.14
N SER A 387 3.30 -15.28 -11.98
CA SER A 387 4.75 -15.36 -11.94
C SER A 387 5.16 -16.13 -10.70
N TYR A 388 6.36 -16.69 -10.75
CA TYR A 388 6.98 -17.29 -9.56
C TYR A 388 8.39 -16.73 -9.47
N ALA A 389 8.71 -16.12 -8.33
CA ALA A 389 9.99 -15.44 -8.16
C ALA A 389 10.54 -15.76 -6.79
N GLN A 390 11.87 -15.78 -6.70
CA GLN A 390 12.54 -15.97 -5.45
C GLN A 390 13.39 -14.76 -5.12
N PRO A 391 13.22 -14.14 -3.94
CA PRO A 391 14.15 -13.07 -3.55
C PRO A 391 15.49 -13.65 -3.15
N PHE A 392 16.54 -13.30 -3.90
CA PHE A 392 17.88 -13.70 -3.54
C PHE A 392 18.68 -12.58 -2.89
N LYS A 393 18.06 -11.41 -2.70
CA LYS A 393 18.67 -10.32 -1.93
C LYS A 393 17.56 -9.65 -1.14
N LYS A 394 17.56 -9.83 0.17
CA LYS A 394 16.54 -9.33 1.07
C LYS A 394 17.17 -8.47 2.15
N TYR A 395 16.31 -7.78 2.90
CA TYR A 395 16.74 -7.02 4.07
C TYR A 395 15.70 -7.20 5.17
N ASP A 396 16.13 -6.96 6.40
CA ASP A 396 15.31 -7.24 7.58
C ASP A 396 13.95 -6.57 7.45
N GLY A 397 12.90 -7.35 7.68
CA GLY A 397 11.54 -6.88 7.61
C GLY A 397 10.85 -7.11 6.28
N ASP A 398 11.61 -7.31 5.21
CA ASP A 398 11.03 -7.51 3.89
C ASP A 398 10.21 -8.80 3.86
N LYS A 399 9.04 -8.73 3.24
CA LYS A 399 8.09 -9.83 3.21
C LYS A 399 8.11 -10.50 1.84
N ALA A 400 8.34 -11.81 1.84
CA ALA A 400 8.42 -12.57 0.61
C ALA A 400 7.04 -12.96 0.12
N GLU A 401 6.89 -13.01 -1.21
CA GLU A 401 5.65 -13.48 -1.84
C GLU A 401 6.05 -14.07 -3.19
N GLN A 402 6.35 -15.37 -3.18
CA GLN A 402 6.97 -15.99 -4.35
C GLN A 402 6.00 -16.07 -5.52
N PHE A 403 4.74 -16.38 -5.26
CA PHE A 403 3.75 -16.58 -6.30
C PHE A 403 2.77 -15.42 -6.33
N GLN A 404 2.63 -14.80 -7.49
CA GLN A 404 1.76 -13.63 -7.65
C GLN A 404 1.03 -13.74 -8.99
N PHE A 405 -0.19 -13.25 -9.01
CA PHE A 405 -1.03 -13.39 -10.20
C PHE A 405 -2.04 -12.25 -10.26
N ASN A 406 -2.66 -12.11 -11.42
CA ASN A 406 -3.75 -11.17 -11.62
C ASN A 406 -4.70 -11.75 -12.65
N ILE A 407 -6.00 -11.72 -12.35
CA ILE A 407 -7.04 -12.20 -13.24
C ILE A 407 -7.98 -11.05 -13.55
N GLY A 408 -8.45 -10.94 -14.80
CA GLY A 408 -9.35 -9.84 -15.20
C GLY A 408 -10.46 -10.29 -16.14
N LYS A 409 -11.63 -9.64 -16.07
CA LYS A 409 -12.80 -9.89 -16.96
C LYS A 409 -13.39 -8.52 -17.31
N THR A 410 -13.72 -8.27 -18.59
CA THR A 410 -14.30 -6.98 -19.07
C THR A 410 -15.61 -7.27 -19.81
N TRP A 411 -16.71 -6.58 -19.48
CA TRP A 411 -18.02 -6.77 -20.16
C TRP A 411 -18.75 -5.42 -20.24
N GLY B 1 -20.77 -25.96 10.63
CA GLY B 1 -19.80 -24.86 10.89
C GLY B 1 -20.47 -23.50 11.01
N PRO B 2 -19.69 -22.48 11.38
CA PRO B 2 -20.25 -21.13 11.53
C PRO B 2 -20.52 -20.47 10.18
N SER B 3 -21.40 -19.47 10.23
CA SER B 3 -21.78 -18.71 9.05
C SER B 3 -20.96 -17.42 8.92
N GLN B 4 -19.89 -17.29 9.68
CA GLN B 4 -19.06 -16.09 9.68
C GLN B 4 -17.78 -16.41 10.43
N VAL B 5 -16.83 -15.46 10.40
CA VAL B 5 -15.61 -15.59 11.18
C VAL B 5 -15.97 -15.55 12.67
N GLN B 6 -15.41 -16.49 13.43
CA GLN B 6 -15.64 -16.57 14.86
C GLN B 6 -14.31 -16.68 15.58
N LEU B 7 -14.14 -15.89 16.64
CA LEU B 7 -12.96 -15.92 17.49
C LEU B 7 -13.36 -16.48 18.84
N VAL B 8 -12.63 -17.47 19.32
CA VAL B 8 -12.95 -18.17 20.56
C VAL B 8 -11.78 -18.01 21.53
N GLU B 9 -12.05 -17.36 22.65
CA GLU B 9 -11.03 -17.15 23.67
C GLU B 9 -11.05 -18.30 24.66
N SER B 10 -9.85 -18.76 25.03
CA SER B 10 -9.69 -19.79 26.05
C SER B 10 -8.68 -19.32 27.08
N GLY B 11 -8.59 -20.06 28.17
CA GLY B 11 -7.79 -19.65 29.30
C GLY B 11 -8.51 -18.62 30.15
N GLY B 12 -7.78 -18.08 31.11
CA GLY B 12 -8.34 -17.12 32.03
C GLY B 12 -8.87 -17.79 33.30
N GLY B 13 -9.29 -16.94 34.23
CA GLY B 13 -9.82 -17.42 35.49
C GLY B 13 -9.28 -16.66 36.68
N LEU B 14 -9.19 -17.34 37.82
CA LEU B 14 -8.80 -16.74 39.09
C LEU B 14 -7.34 -17.03 39.38
N VAL B 15 -6.61 -16.00 39.80
CA VAL B 15 -5.18 -16.11 40.07
C VAL B 15 -4.84 -15.16 41.22
N GLN B 16 -3.77 -15.47 41.93
CA GLN B 16 -3.32 -14.62 43.01
C GLN B 16 -2.59 -13.40 42.45
N ALA B 17 -2.39 -12.41 43.31
CA ALA B 17 -1.84 -11.13 42.87
C ALA B 17 -0.63 -11.33 41.96
N GLY B 18 0.40 -12.02 42.44
CA GLY B 18 1.62 -12.17 41.68
C GLY B 18 1.68 -13.41 40.82
N GLY B 19 0.51 -13.93 40.43
CA GLY B 19 0.42 -15.16 39.67
C GLY B 19 0.46 -14.91 38.17
N SER B 20 0.15 -15.98 37.43
CA SER B 20 0.25 -15.94 35.98
C SER B 20 -0.95 -16.65 35.35
N LEU B 21 -1.30 -16.20 34.15
CA LEU B 21 -2.38 -16.80 33.37
C LEU B 21 -1.97 -16.75 31.91
N ARG B 22 -2.37 -17.78 31.15
CA ARG B 22 -2.10 -17.86 29.72
C ARG B 22 -3.44 -17.90 28.99
N LEU B 23 -3.73 -16.85 28.23
CA LEU B 23 -4.91 -16.82 27.40
C LEU B 23 -4.57 -17.27 25.98
N SER B 24 -5.58 -17.73 25.26
CA SER B 24 -5.42 -18.12 23.87
C SER B 24 -6.65 -17.69 23.09
N CYS B 25 -6.48 -17.57 21.78
CA CYS B 25 -7.55 -17.19 20.88
C CYS B 25 -7.32 -17.88 19.54
N ALA B 26 -8.39 -18.36 18.93
CA ALA B 26 -8.28 -19.10 17.68
C ALA B 26 -9.46 -18.77 16.78
N ALA B 27 -9.17 -18.52 15.50
CA ALA B 27 -10.21 -18.24 14.52
C ALA B 27 -10.84 -19.57 14.11
N SER B 28 -12.09 -19.78 14.53
CA SER B 28 -12.77 -21.04 14.26
C SER B 28 -13.05 -21.20 12.76
N GLY B 29 -13.32 -22.43 12.37
CA GLY B 29 -13.62 -22.72 10.98
C GLY B 29 -12.38 -22.65 10.10
N ARG B 30 -12.63 -22.42 8.82
CA ARG B 30 -11.58 -22.31 7.82
C ARG B 30 -11.51 -20.88 7.31
N THR B 31 -10.38 -20.21 7.57
CA THR B 31 -10.11 -18.88 7.06
C THR B 31 -8.85 -18.94 6.21
N PHE B 32 -8.96 -18.58 4.93
CA PHE B 32 -7.84 -18.62 4.01
C PHE B 32 -7.06 -17.32 3.99
N SER B 33 -7.36 -16.39 4.88
CA SER B 33 -6.66 -15.12 4.98
C SER B 33 -5.91 -15.06 6.30
N ARG B 34 -4.76 -14.39 6.30
CA ARG B 34 -3.95 -14.21 7.50
C ARG B 34 -4.33 -12.89 8.18
N TYR B 35 -4.53 -12.94 9.49
CA TYR B 35 -5.08 -11.82 10.23
C TYR B 35 -4.07 -11.31 11.26
N ALA B 36 -3.98 -10.00 11.38
CA ALA B 36 -3.39 -9.39 12.56
C ALA B 36 -4.36 -9.54 13.71
N MET B 37 -3.84 -9.84 14.91
CA MET B 37 -4.68 -10.18 16.05
C MET B 37 -4.17 -9.45 17.27
N ALA B 38 -5.10 -9.13 18.17
CA ALA B 38 -4.80 -8.25 19.29
C ALA B 38 -5.67 -8.63 20.47
N TRP B 39 -5.25 -8.18 21.65
CA TRP B 39 -6.00 -8.34 22.89
C TRP B 39 -6.41 -6.97 23.41
N PHE B 40 -7.71 -6.81 23.66
CA PHE B 40 -8.28 -5.69 24.37
C PHE B 40 -8.80 -6.17 25.73
N ARG B 41 -9.19 -5.22 26.58
CA ARG B 41 -9.73 -5.57 27.89
C ARG B 41 -10.64 -4.46 28.40
N ARG B 42 -11.67 -4.84 29.14
CA ARG B 42 -12.59 -3.91 29.77
C ARG B 42 -12.66 -4.22 31.26
N ALA B 43 -12.28 -3.25 32.08
CA ALA B 43 -12.25 -3.41 33.52
C ALA B 43 -13.64 -3.17 34.10
N PRO B 44 -13.84 -3.50 35.38
CA PRO B 44 -15.17 -3.30 35.98
C PRO B 44 -15.77 -1.93 35.73
N GLY B 45 -15.02 -0.86 36.05
CA GLY B 45 -15.56 0.48 35.92
C GLY B 45 -15.10 1.22 34.68
N LYS B 46 -13.90 0.89 34.20
CA LYS B 46 -13.31 1.62 33.09
C LYS B 46 -13.92 1.17 31.77
N GLU B 47 -13.38 1.71 30.67
CA GLU B 47 -13.82 1.37 29.34
C GLU B 47 -12.82 0.43 28.66
N ARG B 48 -13.21 -0.10 27.52
CA ARG B 48 -12.39 -1.05 26.79
C ARG B 48 -11.11 -0.37 26.31
N GLU B 49 -9.97 -1.00 26.61
CA GLU B 49 -8.67 -0.47 26.22
C GLU B 49 -7.83 -1.54 25.53
N PHE B 50 -6.78 -1.07 24.84
CA PHE B 50 -5.85 -1.93 24.12
C PHE B 50 -4.82 -2.53 25.07
N VAL B 51 -4.42 -3.76 24.80
CA VAL B 51 -3.44 -4.48 25.62
C VAL B 51 -2.21 -4.87 24.81
N ALA B 52 -2.41 -5.55 23.68
CA ALA B 52 -1.28 -6.01 22.89
C ALA B 52 -1.76 -6.48 21.52
N ALA B 53 -0.90 -6.33 20.53
CA ALA B 53 -1.19 -6.74 19.16
C ALA B 53 0.01 -7.42 18.55
N ILE B 54 -0.23 -8.23 17.53
CA ILE B 54 0.84 -8.90 16.80
C ILE B 54 0.43 -8.99 15.34
N SER B 55 1.35 -8.66 14.45
CA SER B 55 1.05 -8.65 13.03
C SER B 55 0.83 -10.08 12.52
N ALA B 56 0.34 -10.17 11.27
CA ALA B 56 0.14 -11.48 10.66
C ALA B 56 1.46 -12.22 10.50
N SER B 57 2.52 -11.50 10.14
CA SER B 57 3.83 -12.10 9.98
C SER B 57 4.52 -12.36 11.31
N ALA B 58 3.97 -11.87 12.42
CA ALA B 58 4.56 -11.94 13.75
C ALA B 58 5.84 -11.11 13.86
N GLY B 59 6.19 -10.33 12.85
CA GLY B 59 7.39 -9.50 12.94
C GLY B 59 7.22 -8.24 13.76
N THR B 60 5.98 -7.84 14.04
CA THR B 60 5.69 -6.63 14.79
C THR B 60 4.90 -7.00 16.05
N ILE B 61 5.42 -6.63 17.20
CA ILE B 61 4.77 -6.84 18.49
C ILE B 61 4.65 -5.49 19.19
N PHE B 62 3.54 -5.27 19.88
CA PHE B 62 3.29 -3.98 20.50
C PHE B 62 2.42 -4.14 21.74
N TYR B 63 2.83 -3.48 22.83
CA TYR B 63 2.11 -3.53 24.09
C TYR B 63 1.80 -2.13 24.60
N THR B 64 0.72 -2.03 25.36
CA THR B 64 0.47 -0.82 26.15
C THR B 64 1.40 -0.80 27.35
N ASP B 65 1.84 0.40 27.73
CA ASP B 65 2.87 0.52 28.77
C ASP B 65 2.45 -0.16 30.07
N SER B 66 1.14 -0.20 30.37
CA SER B 66 0.68 -0.82 31.60
C SER B 66 1.24 -2.24 31.75
N VAL B 67 1.11 -3.05 30.70
CA VAL B 67 1.49 -4.45 30.76
C VAL B 67 2.87 -4.71 30.16
N LYS B 68 3.52 -3.68 29.63
CA LYS B 68 4.82 -3.85 29.02
C LYS B 68 5.80 -4.43 30.02
N GLY B 69 6.46 -5.52 29.64
CA GLY B 69 7.39 -6.21 30.50
C GLY B 69 6.80 -7.36 31.30
N ARG B 70 5.48 -7.43 31.41
CA ARG B 70 4.81 -8.51 32.14
C ARG B 70 4.03 -9.45 31.23
N PHE B 71 3.41 -8.93 30.17
CA PHE B 71 2.67 -9.77 29.22
C PHE B 71 3.55 -10.10 28.02
N THR B 72 3.19 -11.18 27.33
CA THR B 72 3.90 -11.63 26.15
C THR B 72 2.89 -12.18 25.15
N ILE B 73 2.75 -11.53 24.01
CA ILE B 73 1.86 -11.99 22.94
C ILE B 73 2.68 -12.72 21.90
N SER B 74 2.14 -13.84 21.42
CA SER B 74 2.86 -14.66 20.45
C SER B 74 1.86 -15.36 19.55
N ARG B 75 2.30 -15.64 18.32
CA ARG B 75 1.50 -16.42 17.38
C ARG B 75 1.87 -17.90 17.49
N ASP B 76 0.86 -18.75 17.51
CA ASP B 76 1.07 -20.19 17.53
C ASP B 76 1.40 -20.68 16.12
N HIS B 77 2.05 -21.85 16.06
CA HIS B 77 2.37 -22.46 14.78
C HIS B 77 1.13 -22.72 13.93
N ALA B 78 -0.05 -22.75 14.55
CA ALA B 78 -1.28 -23.01 13.83
C ALA B 78 -1.81 -21.73 13.19
N LYS B 79 -2.81 -21.90 12.32
CA LYS B 79 -3.42 -20.77 11.64
C LYS B 79 -4.14 -19.85 12.62
N ASN B 80 -3.80 -18.56 12.56
CA ASN B 80 -4.55 -17.51 13.24
C ASN B 80 -4.91 -17.91 14.66
N THR B 81 -3.88 -18.22 15.45
CA THR B 81 -4.02 -18.58 16.85
C THR B 81 -2.96 -17.83 17.64
N VAL B 82 -3.39 -17.01 18.59
CA VAL B 82 -2.47 -16.21 19.41
C VAL B 82 -2.67 -16.56 20.87
N SER B 83 -1.62 -16.36 21.64
CA SER B 83 -1.63 -16.57 23.09
C SER B 83 -1.15 -15.30 23.76
N LEU B 84 -1.59 -15.11 25.01
CA LEU B 84 -1.18 -13.97 25.83
C LEU B 84 -0.74 -14.51 27.18
N GLN B 85 0.57 -14.57 27.41
CA GLN B 85 1.12 -15.03 28.68
C GLN B 85 1.23 -13.83 29.61
N MET B 86 0.45 -13.85 30.68
CA MET B 86 0.39 -12.73 31.63
C MET B 86 1.06 -13.16 32.93
N ASN B 87 2.12 -12.45 33.30
CA ASN B 87 2.90 -12.76 34.49
C ASN B 87 2.89 -11.57 35.44
N SER B 88 3.33 -11.83 36.67
CA SER B 88 3.37 -10.82 37.72
C SER B 88 2.11 -9.95 37.66
N LEU B 89 0.97 -10.62 37.63
CA LEU B 89 -0.32 -9.94 37.52
C LEU B 89 -0.53 -9.02 38.72
N ARG B 90 -1.61 -8.25 38.66
CA ARG B 90 -1.94 -7.26 39.68
C ARG B 90 -3.45 -7.06 39.69
N PRO B 91 -4.02 -6.63 40.81
CA PRO B 91 -5.47 -6.43 40.86
C PRO B 91 -6.00 -5.55 39.74
N GLU B 92 -5.18 -4.62 39.24
CA GLU B 92 -5.60 -3.74 38.16
C GLU B 92 -5.65 -4.44 36.80
N ASP B 93 -5.22 -5.70 36.71
CA ASP B 93 -5.36 -6.47 35.49
C ASP B 93 -6.70 -7.20 35.42
N THR B 94 -7.46 -7.24 36.50
CA THR B 94 -8.79 -7.84 36.49
C THR B 94 -9.65 -7.21 35.40
N ALA B 95 -10.24 -8.04 34.55
CA ALA B 95 -11.11 -7.53 33.48
C ALA B 95 -11.60 -8.68 32.62
N VAL B 96 -12.50 -8.36 31.70
CA VAL B 96 -12.87 -9.24 30.60
C VAL B 96 -11.90 -8.96 29.46
N TYR B 97 -11.16 -9.98 29.05
CA TYR B 97 -10.17 -9.88 27.98
C TYR B 97 -10.79 -10.37 26.68
N TYR B 98 -10.73 -9.52 25.66
CA TYR B 98 -11.34 -9.78 24.36
C TYR B 98 -10.26 -9.93 23.31
N CYS B 99 -10.51 -10.84 22.37
CA CYS B 99 -9.65 -11.08 21.23
C CYS B 99 -10.22 -10.39 20.00
N ALA B 100 -9.35 -9.83 19.17
CA ALA B 100 -9.77 -9.09 18.00
C ALA B 100 -8.88 -9.44 16.82
N ALA B 101 -9.49 -9.50 15.64
CA ALA B 101 -8.75 -9.89 14.44
C ALA B 101 -8.94 -8.83 13.36
N LYS B 102 -8.01 -8.82 12.40
CA LYS B 102 -7.97 -7.78 11.40
C LYS B 102 -7.10 -8.25 10.24
N THR B 103 -7.59 -8.09 9.02
CA THR B 103 -6.72 -8.24 7.86
C THR B 103 -5.97 -6.93 7.67
N GLY B 104 -4.72 -7.03 7.25
CA GLY B 104 -3.87 -5.87 7.11
C GLY B 104 -3.13 -5.54 8.39
N THR B 105 -2.63 -4.31 8.45
CA THR B 105 -1.74 -3.90 9.52
C THR B 105 -2.49 -3.77 10.83
N TRP B 106 -1.77 -3.97 11.93
CA TRP B 106 -2.33 -3.86 13.26
C TRP B 106 -2.62 -2.39 13.61
N ALA B 107 -3.45 -2.20 14.64
CA ALA B 107 -3.81 -0.87 15.12
C ALA B 107 -4.21 -0.97 16.59
N THR B 108 -4.31 0.20 17.23
CA THR B 108 -4.66 0.28 18.64
C THR B 108 -6.14 0.57 18.89
N LEU B 109 -6.85 1.13 17.92
CA LEU B 109 -8.25 1.50 18.11
C LEU B 109 -9.16 0.31 17.80
N ASP B 110 -10.15 0.11 18.68
CA ASP B 110 -11.04 -1.04 18.53
C ASP B 110 -11.83 -0.98 17.24
N ARG B 111 -12.12 0.22 16.73
CA ARG B 111 -12.96 0.34 15.53
C ARG B 111 -12.24 -0.12 14.27
N ARG B 112 -10.92 -0.25 14.32
CA ARG B 112 -10.13 -0.71 13.19
C ARG B 112 -10.14 -2.23 13.02
N TYR B 113 -10.59 -2.97 14.02
CA TYR B 113 -10.65 -4.42 13.93
C TYR B 113 -12.01 -4.86 13.41
N ASP B 114 -12.00 -5.94 12.64
CA ASP B 114 -13.17 -6.43 11.93
C ASP B 114 -13.92 -7.54 12.67
N TYR B 115 -13.24 -8.33 13.51
CA TYR B 115 -13.86 -9.45 14.20
C TYR B 115 -13.48 -9.45 15.67
N TRP B 116 -14.42 -9.87 16.52
CA TRP B 116 -14.23 -9.87 17.95
C TRP B 116 -14.70 -11.19 18.53
N GLY B 117 -14.11 -11.58 19.65
CA GLY B 117 -14.56 -12.73 20.41
C GLY B 117 -15.46 -12.31 21.56
N GLN B 118 -16.01 -13.34 22.24
CA GLN B 118 -16.96 -13.12 23.32
C GLN B 118 -16.30 -12.66 24.61
N GLY B 119 -15.02 -12.95 24.80
CA GLY B 119 -14.31 -12.50 25.97
C GLY B 119 -14.22 -13.57 27.04
N THR B 120 -13.15 -13.48 27.85
CA THR B 120 -12.94 -14.37 28.98
C THR B 120 -12.61 -13.53 30.20
N ARG B 121 -13.10 -13.97 31.36
CA ARG B 121 -12.91 -13.23 32.60
C ARG B 121 -11.54 -13.55 33.21
N VAL B 122 -10.84 -12.52 33.64
CA VAL B 122 -9.58 -12.65 34.35
C VAL B 122 -9.72 -11.90 35.68
N THR B 123 -9.47 -12.59 36.78
CA THR B 123 -9.65 -12.04 38.11
C THR B 123 -8.35 -12.18 38.88
N VAL B 124 -7.93 -11.10 39.53
CA VAL B 124 -6.69 -11.08 40.30
C VAL B 124 -7.03 -10.66 41.72
N SER B 125 -6.75 -11.54 42.68
CA SER B 125 -7.04 -11.28 44.08
C SER B 125 -5.80 -10.73 44.76
N ALA B 126 -6.00 -9.70 45.59
CA ALA B 126 -4.90 -9.10 46.32
C ALA B 126 -4.30 -10.11 47.30
#